data_3JYB
#
_entry.id   3JYB
#
_cell.length_a   51.164
_cell.length_b   67.193
_cell.length_c   86.214
_cell.angle_alpha   90.00
_cell.angle_beta   90.00
_cell.angle_gamma   90.00
#
_symmetry.space_group_name_H-M   'P 21 21 21'
#
loop_
_entity.id
_entity.type
_entity.pdbx_description
1 polymer 'Sensor protein'
2 water water
#
_entity_poly.entity_id   1
_entity_poly.type   'polypeptide(L)'
_entity_poly.pdbx_seq_one_letter_code
;ATTPSANQNWRLLRDESAQLRIADVLQRKEQFRPLAKRSFIFPASPQAVWLQVQLPAQKVPSWLWIFAPRVQYLDYYLVQ
DGQLVRDQHTGESRPFQERPLPSRSYLFSLPVDGKP(MSE)TLYVR(MSE)TSNHPL(MSE)AWFDQIDEAGLVGLE
;
_entity_poly.pdbx_strand_id   A,B
#
# COMPACT_ATOMS: atom_id res chain seq x y z
N GLN A 8 3.18 -14.21 -3.08
CA GLN A 8 2.31 -14.29 -4.29
C GLN A 8 0.89 -14.78 -3.97
N ASN A 9 0.53 -14.75 -2.69
CA ASN A 9 -0.77 -15.22 -2.24
C ASN A 9 -1.85 -14.14 -2.15
N TRP A 10 -1.48 -12.91 -2.51
CA TRP A 10 -2.45 -11.82 -2.62
C TRP A 10 -2.63 -11.54 -4.10
N ARG A 11 -3.81 -11.90 -4.60
CA ARG A 11 -4.05 -11.92 -6.04
C ARG A 11 -5.29 -11.13 -6.41
N LEU A 12 -5.33 -10.69 -7.66
CA LEU A 12 -6.41 -9.85 -8.14
C LEU A 12 -6.94 -10.29 -9.50
N LEU A 13 -8.24 -10.11 -9.69
CA LEU A 13 -8.90 -10.35 -10.96
C LEU A 13 -9.83 -9.18 -11.23
N ARG A 14 -9.66 -8.54 -12.38
CA ARG A 14 -10.58 -7.51 -12.83
C ARG A 14 -11.69 -8.16 -13.64
N ASP A 15 -12.92 -8.05 -13.15
CA ASP A 15 -14.09 -8.53 -13.88
C ASP A 15 -14.78 -7.34 -14.54
N GLU A 16 -14.39 -7.09 -15.79
CA GLU A 16 -14.92 -5.96 -16.55
C GLU A 16 -16.39 -6.14 -16.95
N SER A 17 -16.88 -7.37 -16.92
CA SER A 17 -18.28 -7.67 -17.21
C SER A 17 -19.20 -7.31 -16.03
N ALA A 18 -18.63 -7.32 -14.82
CA ALA A 18 -19.37 -7.12 -13.57
C ALA A 18 -20.40 -8.22 -13.25
N GLN A 19 -20.37 -9.30 -14.04
CA GLN A 19 -21.41 -10.35 -13.98
C GLN A 19 -21.03 -11.54 -13.10
N LEU A 20 -19.74 -11.73 -12.88
CA LEU A 20 -19.22 -12.88 -12.12
C LEU A 20 -19.72 -12.92 -10.68
N ARG A 21 -20.20 -14.09 -10.27
CA ARG A 21 -20.60 -14.36 -8.90
C ARG A 21 -19.52 -15.22 -8.25
N ILE A 22 -19.63 -15.44 -6.94
CA ILE A 22 -18.65 -16.25 -6.21
C ILE A 22 -18.43 -17.65 -6.85
N ALA A 23 -19.53 -18.33 -7.20
CA ALA A 23 -19.44 -19.63 -7.88
C ALA A 23 -18.67 -19.55 -9.19
N ASP A 24 -18.89 -18.48 -9.94
CA ASP A 24 -18.18 -18.24 -11.22
C ASP A 24 -16.68 -18.00 -11.00
N VAL A 25 -16.38 -17.22 -9.96
CA VAL A 25 -15.00 -16.87 -9.61
C VAL A 25 -14.18 -18.10 -9.20
N LEU A 26 -14.81 -18.98 -8.42
CA LEU A 26 -14.17 -20.22 -7.97
C LEU A 26 -13.81 -21.16 -9.13
N GLN A 27 -14.46 -20.96 -10.28
CA GLN A 27 -14.17 -21.70 -11.51
C GLN A 27 -13.02 -21.07 -12.30
N ARG A 28 -12.62 -19.87 -11.91
CA ARG A 28 -11.66 -19.05 -12.65
C ARG A 28 -10.44 -18.70 -11.82
N LYS A 29 -10.10 -19.54 -10.85
CA LYS A 29 -8.99 -19.30 -9.92
C LYS A 29 -7.65 -19.03 -10.64
N GLU A 30 -7.47 -19.68 -11.78
CA GLU A 30 -6.25 -19.55 -12.57
C GLU A 30 -6.12 -18.19 -13.25
N GLN A 31 -7.23 -17.44 -13.30
CA GLN A 31 -7.24 -16.10 -13.90
C GLN A 31 -6.75 -14.98 -12.96
N PHE A 32 -6.68 -15.28 -11.67
CA PHE A 32 -6.12 -14.36 -10.67
C PHE A 32 -4.61 -14.23 -10.84
N ARG A 33 -4.11 -12.99 -10.75
CA ARG A 33 -2.68 -12.70 -10.90
C ARG A 33 -2.13 -12.00 -9.65
N PRO A 34 -0.84 -12.24 -9.30
CA PRO A 34 -0.28 -11.67 -8.07
C PRO A 34 -0.23 -10.14 -8.08
N LEU A 35 -0.51 -9.54 -6.93
CA LEU A 35 -0.40 -8.10 -6.73
C LEU A 35 1.04 -7.71 -6.38
N ALA A 36 1.49 -6.56 -6.87
CA ALA A 36 2.81 -6.03 -6.53
C ALA A 36 2.77 -5.23 -5.23
N LYS A 37 1.57 -4.87 -4.81
CA LYS A 37 1.34 -4.21 -3.52
C LYS A 37 -0.08 -4.53 -3.05
N ARG A 38 -0.32 -4.47 -1.75
CA ARG A 38 -1.63 -4.80 -1.20
C ARG A 38 -2.61 -3.61 -1.24
N SER A 39 -2.83 -3.12 -2.46
CA SER A 39 -3.71 -1.98 -2.72
C SER A 39 -3.91 -1.84 -4.22
N PHE A 40 -4.92 -1.06 -4.62
CA PHE A 40 -5.14 -0.74 -6.02
C PHE A 40 -5.89 0.58 -6.17
N ILE A 41 -5.78 1.17 -7.37
CA ILE A 41 -6.65 2.25 -7.80
C ILE A 41 -6.90 2.14 -9.29
N PHE A 42 -8.16 2.26 -9.69
CA PHE A 42 -8.55 2.24 -11.09
C PHE A 42 -9.47 3.41 -11.39
N PRO A 43 -9.37 4.00 -12.60
CA PRO A 43 -10.33 5.03 -13.00
C PRO A 43 -11.77 4.52 -12.86
N ALA A 44 -12.71 5.43 -12.63
CA ALA A 44 -14.12 5.07 -12.47
C ALA A 44 -14.67 4.25 -13.64
N SER A 45 -15.24 3.10 -13.33
CA SER A 45 -15.85 2.22 -14.33
C SER A 45 -16.81 1.24 -13.67
N PRO A 46 -17.61 0.52 -14.48
CA PRO A 46 -18.54 -0.46 -13.92
C PRO A 46 -17.92 -1.84 -13.62
N GLN A 47 -16.60 -1.96 -13.71
CA GLN A 47 -15.93 -3.24 -13.42
C GLN A 47 -16.12 -3.67 -11.97
N ALA A 48 -16.06 -4.98 -11.75
CA ALA A 48 -15.95 -5.52 -10.39
C ALA A 48 -14.52 -6.01 -10.19
N VAL A 49 -13.86 -5.51 -9.16
CA VAL A 49 -12.53 -5.97 -8.80
C VAL A 49 -12.64 -7.07 -7.73
N TRP A 50 -12.05 -8.22 -8.01
CA TRP A 50 -12.02 -9.33 -7.05
C TRP A 50 -10.61 -9.52 -6.48
N LEU A 51 -10.56 -9.62 -5.15
CA LEU A 51 -9.34 -9.97 -4.43
C LEU A 51 -9.40 -11.42 -3.98
N GLN A 52 -8.31 -12.16 -4.19
CA GLN A 52 -8.16 -13.50 -3.64
C GLN A 52 -6.93 -13.57 -2.77
N VAL A 53 -7.12 -13.95 -1.52
CA VAL A 53 -6.02 -14.10 -0.57
C VAL A 53 -5.98 -15.51 0.00
N GLN A 54 -4.89 -16.23 -0.26
CA GLN A 54 -4.68 -17.55 0.29
C GLN A 54 -3.80 -17.47 1.53
N LEU A 55 -4.31 -17.99 2.64
CA LEU A 55 -3.63 -17.92 3.94
C LEU A 55 -3.54 -19.31 4.58
N PRO A 56 -2.43 -19.59 5.31
CA PRO A 56 -2.33 -20.86 6.00
C PRO A 56 -3.21 -20.89 7.25
N ALA A 57 -3.22 -22.03 7.95
CA ALA A 57 -3.86 -22.10 9.26
C ALA A 57 -3.25 -21.03 10.18
N GLN A 58 -4.10 -20.36 10.94
CA GLN A 58 -3.69 -19.23 11.77
C GLN A 58 -3.56 -19.65 13.23
N LYS A 59 -2.63 -19.01 13.95
CA LYS A 59 -2.30 -19.40 15.33
C LYS A 59 -2.76 -18.36 16.35
N VAL A 60 -3.01 -17.15 15.88
CA VAL A 60 -3.39 -16.02 16.75
C VAL A 60 -4.54 -15.23 16.11
N PRO A 61 -5.29 -14.45 16.92
CA PRO A 61 -6.33 -13.62 16.32
C PRO A 61 -5.80 -12.69 15.22
N SER A 62 -6.50 -12.63 14.11
CA SER A 62 -6.15 -11.72 13.04
C SER A 62 -7.40 -11.31 12.26
N TRP A 63 -7.27 -10.24 11.50
CA TRP A 63 -8.35 -9.69 10.71
C TRP A 63 -7.80 -9.35 9.32
N LEU A 64 -8.65 -9.45 8.31
CA LEU A 64 -8.40 -8.74 7.08
C LEU A 64 -8.96 -7.35 7.29
N TRP A 65 -8.09 -6.35 7.18
CA TRP A 65 -8.48 -4.96 7.22
C TRP A 65 -8.58 -4.44 5.79
N ILE A 66 -9.65 -3.71 5.49
CA ILE A 66 -9.80 -3.03 4.20
C ILE A 66 -10.23 -1.59 4.40
N PHE A 67 -9.46 -0.65 3.85
CA PHE A 67 -9.88 0.74 3.74
C PHE A 67 -10.22 0.97 2.27
N ALA A 68 -11.52 1.08 1.99
CA ALA A 68 -12.00 1.20 0.62
C ALA A 68 -12.96 2.39 0.52
N PRO A 69 -12.39 3.62 0.56
CA PRO A 69 -13.27 4.79 0.55
C PRO A 69 -14.08 4.87 -0.74
N ARG A 70 -15.37 5.14 -0.59
CA ARG A 70 -16.30 5.33 -1.71
C ARG A 70 -16.64 4.05 -2.49
N VAL A 71 -16.25 2.89 -1.96
CA VAL A 71 -16.68 1.62 -2.54
C VAL A 71 -18.15 1.42 -2.17
N GLN A 72 -18.98 1.16 -3.17
CA GLN A 72 -20.41 1.12 -2.97
C GLN A 72 -20.91 -0.28 -2.60
N TYR A 73 -20.36 -1.30 -3.23
CA TYR A 73 -20.65 -2.69 -2.89
C TYR A 73 -19.36 -3.45 -2.62
N LEU A 74 -19.27 -3.99 -1.41
CA LEU A 74 -18.14 -4.83 -1.00
C LEU A 74 -18.69 -6.16 -0.49
N ASP A 75 -18.32 -7.24 -1.16
CA ASP A 75 -18.79 -8.58 -0.80
C ASP A 75 -17.61 -9.43 -0.34
N TYR A 76 -17.73 -10.02 0.84
CA TYR A 76 -16.65 -10.79 1.44
C TYR A 76 -17.07 -12.26 1.55
N TYR A 77 -16.17 -13.15 1.13
CA TYR A 77 -16.40 -14.59 1.16
C TYR A 77 -15.18 -15.28 1.75
N LEU A 78 -15.42 -16.20 2.68
CA LEU A 78 -14.34 -17.02 3.24
C LEU A 78 -14.59 -18.48 2.89
N VAL A 79 -13.56 -19.13 2.35
CA VAL A 79 -13.61 -20.54 1.97
C VAL A 79 -12.63 -21.34 2.80
N GLN A 80 -13.11 -22.42 3.39
CA GLN A 80 -12.27 -23.38 4.10
C GLN A 80 -12.74 -24.78 3.75
N ASP A 81 -11.80 -25.68 3.47
CA ASP A 81 -12.10 -27.06 3.03
C ASP A 81 -13.11 -27.11 1.88
N GLY A 82 -12.89 -26.26 0.88
CA GLY A 82 -13.74 -26.19 -0.31
C GLY A 82 -15.15 -25.66 -0.11
N GLN A 83 -15.48 -25.26 1.11
CA GLN A 83 -16.83 -24.74 1.40
C GLN A 83 -16.86 -23.27 1.85
N LEU A 84 -17.95 -22.60 1.49
CA LEU A 84 -18.18 -21.20 1.89
C LEU A 84 -18.54 -21.15 3.37
N VAL A 85 -17.63 -20.59 4.17
CA VAL A 85 -17.78 -20.55 5.63
C VAL A 85 -18.21 -19.17 6.12
N ARG A 86 -17.98 -18.15 5.28
CA ARG A 86 -18.49 -16.80 5.54
C ARG A 86 -18.86 -16.08 4.23
N ASP A 87 -19.88 -15.24 4.32
CA ASP A 87 -20.48 -14.58 3.15
C ASP A 87 -21.18 -13.32 3.65
N GLN A 88 -20.50 -12.18 3.50
CA GLN A 88 -20.99 -10.90 4.01
C GLN A 88 -21.12 -9.86 2.91
N HIS A 89 -22.26 -9.18 2.89
CA HIS A 89 -22.51 -8.15 1.89
C HIS A 89 -22.58 -6.79 2.57
N THR A 90 -21.69 -5.90 2.16
CA THR A 90 -21.57 -4.58 2.77
C THR A 90 -21.21 -3.53 1.71
N GLY A 91 -20.62 -2.42 2.15
CA GLY A 91 -20.31 -1.31 1.25
C GLY A 91 -21.15 -0.09 1.60
N GLU A 92 -20.81 1.06 1.00
CA GLU A 92 -21.54 2.30 1.26
C GLU A 92 -23.01 2.30 0.81
N SER A 93 -23.34 1.41 -0.13
CA SER A 93 -24.71 1.27 -0.61
C SER A 93 -25.49 0.21 0.17
N ARG A 94 -24.87 -0.30 1.23
CA ARG A 94 -25.54 -1.13 2.22
C ARG A 94 -25.48 -0.40 3.58
N PRO A 95 -26.34 0.61 3.77
CA PRO A 95 -26.31 1.35 5.03
C PRO A 95 -26.98 0.55 6.15
N PHE A 96 -27.09 1.17 7.32
CA PHE A 96 -27.78 0.61 8.50
C PHE A 96 -26.98 -0.49 9.20
N GLN A 97 -25.74 -0.68 8.75
CA GLN A 97 -24.78 -1.55 9.43
C GLN A 97 -23.84 -0.66 10.22
N GLU A 98 -23.75 -0.90 11.53
CA GLU A 98 -22.87 -0.11 12.38
C GLU A 98 -21.45 -0.68 12.36
N ARG A 99 -20.49 0.13 11.95
CA ARG A 99 -19.07 -0.25 11.94
C ARG A 99 -18.30 0.55 13.00
N PRO A 100 -17.38 -0.11 13.71
CA PRO A 100 -16.69 0.54 14.84
C PRO A 100 -15.71 1.65 14.48
N LEU A 101 -15.01 1.51 13.36
CA LEU A 101 -13.92 2.43 13.03
C LEU A 101 -14.39 3.75 12.43
N PRO A 102 -13.90 4.89 12.97
CA PRO A 102 -14.15 6.23 12.44
C PRO A 102 -13.89 6.37 10.93
N SER A 103 -12.90 5.62 10.43
CA SER A 103 -12.55 5.66 9.01
C SER A 103 -13.54 4.87 8.17
N ARG A 104 -14.40 4.12 8.84
CA ARG A 104 -15.33 3.18 8.21
C ARG A 104 -14.59 2.09 7.43
N SER A 105 -13.34 1.82 7.82
CA SER A 105 -12.60 0.67 7.31
C SER A 105 -13.39 -0.59 7.65
N TYR A 106 -13.10 -1.68 6.95
CA TYR A 106 -13.77 -2.95 7.15
C TYR A 106 -12.82 -3.90 7.85
N LEU A 107 -13.36 -4.68 8.78
CA LEU A 107 -12.59 -5.75 9.42
C LEU A 107 -13.34 -7.07 9.32
N PHE A 108 -12.61 -8.12 8.94
CA PHE A 108 -13.14 -9.48 8.85
C PHE A 108 -12.25 -10.44 9.63
N SER A 109 -12.83 -11.05 10.66
CA SER A 109 -12.08 -11.92 11.56
C SER A 109 -11.69 -13.23 10.88
N LEU A 110 -10.42 -13.59 10.98
CA LEU A 110 -9.91 -14.79 10.32
C LEU A 110 -9.74 -15.90 11.35
N PRO A 111 -10.46 -17.02 11.17
CA PRO A 111 -10.56 -18.05 12.20
C PRO A 111 -9.25 -18.77 12.52
N VAL A 112 -9.07 -19.08 13.80
CA VAL A 112 -8.02 -19.95 14.28
C VAL A 112 -8.71 -21.29 14.53
N ASP A 113 -8.70 -22.15 13.50
CA ASP A 113 -9.44 -23.42 13.54
C ASP A 113 -8.68 -24.59 12.95
N GLY A 114 -7.37 -24.46 12.81
CA GLY A 114 -6.51 -25.55 12.37
C GLY A 114 -6.45 -25.78 10.87
N LYS A 115 -7.18 -24.97 10.11
CA LYS A 115 -7.30 -25.13 8.66
C LYS A 115 -6.87 -23.86 7.90
N PRO A 116 -6.22 -24.04 6.73
CA PRO A 116 -5.93 -22.89 5.86
C PRO A 116 -7.23 -22.29 5.32
N THR A 118 -9.05 -19.43 2.03
CA THR A 118 -8.97 -18.50 0.91
C THR A 118 -10.08 -17.48 1.07
N LEU A 119 -9.72 -16.20 1.04
CA LEU A 119 -10.71 -15.12 1.12
C LEU A 119 -10.92 -14.53 -0.26
N TYR A 120 -12.16 -14.16 -0.56
CA TYR A 120 -12.50 -13.44 -1.79
C TYR A 120 -13.25 -12.19 -1.43
N VAL A 121 -12.89 -11.08 -2.07
CA VAL A 121 -13.59 -9.81 -1.88
C VAL A 121 -13.96 -9.21 -3.24
N ARG A 122 -15.24 -8.94 -3.45
CA ARG A 122 -15.72 -8.25 -4.66
C ARG A 122 -15.99 -6.78 -4.35
N THR A 124 -17.12 -2.89 -6.14
CA THR A 124 -17.57 -2.02 -7.22
C THR A 124 -17.80 -0.60 -6.70
N SER A 125 -17.64 0.38 -7.59
CA SER A 125 -18.02 1.77 -7.29
C SER A 125 -18.33 2.57 -8.56
N ASN A 126 -19.08 3.66 -8.40
CA ASN A 126 -19.30 4.65 -9.44
C ASN A 126 -18.18 5.69 -9.44
N HIS A 127 -17.37 5.65 -8.38
CA HIS A 127 -16.21 6.52 -8.24
C HIS A 127 -14.95 5.72 -8.60
N PRO A 128 -13.80 6.41 -8.74
CA PRO A 128 -12.55 5.66 -8.87
C PRO A 128 -12.47 4.53 -7.86
N LEU A 129 -12.11 3.34 -8.32
CA LEU A 129 -12.14 2.16 -7.48
C LEU A 129 -10.81 2.02 -6.77
N ALA A 131 -8.68 0.72 -2.92
CA ALA A 131 -8.63 0.10 -1.60
C ALA A 131 -7.19 -0.15 -1.18
N TRP A 132 -6.97 -0.09 0.14
CA TRP A 132 -5.78 -0.66 0.76
C TRP A 132 -6.26 -1.78 1.66
N PHE A 133 -5.45 -2.82 1.81
CA PHE A 133 -5.86 -3.97 2.59
C PHE A 133 -4.65 -4.71 3.12
N ASP A 134 -4.85 -5.44 4.21
CA ASP A 134 -3.79 -6.27 4.78
C ASP A 134 -4.35 -7.12 5.90
N GLN A 135 -3.62 -8.17 6.24
CA GLN A 135 -3.87 -8.92 7.45
C GLN A 135 -3.20 -8.22 8.62
N ILE A 136 -3.94 -8.05 9.71
CA ILE A 136 -3.44 -7.43 10.92
C ILE A 136 -3.71 -8.35 12.12
N ASP A 137 -2.82 -8.34 13.10
CA ASP A 137 -3.07 -9.04 14.36
C ASP A 137 -3.57 -8.05 15.41
N GLU A 138 -3.67 -8.47 16.67
CA GLU A 138 -4.17 -7.60 17.74
C GLU A 138 -3.38 -6.29 17.83
N ALA A 139 -2.06 -6.39 17.71
CA ALA A 139 -1.17 -5.22 17.79
C ALA A 139 -1.51 -4.16 16.73
N GLY A 140 -1.85 -4.61 15.52
CA GLY A 140 -2.35 -3.72 14.47
C GLY A 140 -3.74 -3.18 14.78
N LEU A 141 -4.59 -4.05 15.30
CA LEU A 141 -5.98 -3.72 15.65
C LEU A 141 -6.12 -2.54 16.63
N VAL A 142 -5.30 -2.55 17.68
CA VAL A 142 -5.42 -1.55 18.76
C VAL A 142 -4.93 -0.17 18.36
N GLY A 143 -4.22 -0.06 17.24
CA GLY A 143 -3.78 1.22 16.71
C GLY A 143 -4.63 1.78 15.58
N LEU A 144 -5.69 1.05 15.21
CA LEU A 144 -6.58 1.45 14.10
C LEU A 144 -7.49 2.63 14.41
N GLU A 145 -7.85 3.39 13.37
CA GLU A 145 -8.82 4.48 13.45
C GLU A 145 -9.76 4.50 12.23
N GLN B 8 17.99 10.43 14.12
CA GLN B 8 19.20 10.43 13.22
C GLN B 8 19.14 9.36 12.12
N ASN B 9 18.01 8.69 11.98
CA ASN B 9 17.83 7.66 10.97
C ASN B 9 17.20 8.16 9.65
N TRP B 10 16.92 9.47 9.60
CA TRP B 10 16.42 10.11 8.39
C TRP B 10 17.50 11.04 7.88
N ARG B 11 18.07 10.70 6.73
CA ARG B 11 19.27 11.36 6.23
C ARG B 11 19.14 11.83 4.78
N LEU B 12 19.95 12.83 4.43
CA LEU B 12 19.88 13.41 3.10
C LEU B 12 21.25 13.50 2.43
N LEU B 13 21.25 13.34 1.12
CA LEU B 13 22.44 13.56 0.30
C LEU B 13 22.04 14.36 -0.92
N ARG B 14 22.81 15.40 -1.23
CA ARG B 14 22.59 16.21 -2.41
C ARG B 14 23.64 15.89 -3.48
N ASP B 15 23.16 15.54 -4.66
CA ASP B 15 24.01 15.20 -5.78
C ASP B 15 23.80 16.22 -6.90
N GLU B 16 24.57 17.31 -6.86
CA GLU B 16 24.40 18.40 -7.82
C GLU B 16 24.49 17.90 -9.26
N SER B 17 25.39 16.94 -9.50
CA SER B 17 25.61 16.34 -10.84
C SER B 17 24.40 15.54 -11.34
N ALA B 18 23.61 15.02 -10.42
CA ALA B 18 22.44 14.18 -10.70
C ALA B 18 22.76 12.86 -11.41
N GLN B 19 24.02 12.44 -11.34
CA GLN B 19 24.49 11.25 -12.07
C GLN B 19 24.53 9.96 -11.25
N LEU B 20 24.50 10.07 -9.92
CA LEU B 20 24.55 8.88 -9.07
C LEU B 20 23.30 8.03 -9.24
N ARG B 21 23.49 6.71 -9.27
CA ARG B 21 22.38 5.76 -9.27
C ARG B 21 22.40 5.02 -7.94
N ILE B 22 21.44 4.11 -7.73
CA ILE B 22 21.30 3.42 -6.44
C ILE B 22 22.55 2.66 -6.03
N ALA B 23 23.21 2.02 -6.99
CA ALA B 23 24.45 1.28 -6.75
C ALA B 23 25.55 2.19 -6.21
N ASP B 24 25.65 3.40 -6.76
CA ASP B 24 26.64 4.40 -6.35
C ASP B 24 26.35 4.93 -4.95
N VAL B 25 25.07 5.12 -4.66
CA VAL B 25 24.61 5.69 -3.40
C VAL B 25 24.83 4.73 -2.23
N LEU B 26 24.63 3.44 -2.47
CA LEU B 26 24.92 2.39 -1.48
C LEU B 26 26.40 2.30 -1.11
N GLN B 27 27.26 2.91 -1.92
CA GLN B 27 28.70 2.97 -1.67
C GLN B 27 29.10 4.27 -0.97
N ARG B 28 28.14 5.20 -0.86
CA ARG B 28 28.38 6.53 -0.32
C ARG B 28 27.49 6.82 0.89
N LYS B 29 27.12 5.76 1.61
CA LYS B 29 26.21 5.87 2.77
C LYS B 29 26.66 6.89 3.82
N GLU B 30 27.97 7.05 3.97
CA GLU B 30 28.54 7.98 4.96
C GLU B 30 28.39 9.45 4.57
N GLN B 31 28.12 9.72 3.29
CA GLN B 31 27.89 11.09 2.79
C GLN B 31 26.50 11.62 3.12
N PHE B 32 25.58 10.73 3.50
CA PHE B 32 24.26 11.11 3.97
C PHE B 32 24.35 11.82 5.32
N ARG B 33 23.67 12.96 5.43
CA ARG B 33 23.68 13.75 6.66
C ARG B 33 22.31 13.77 7.34
N PRO B 34 22.28 13.59 8.68
CA PRO B 34 21.02 13.59 9.43
C PRO B 34 20.19 14.84 9.17
N LEU B 35 18.88 14.66 9.05
CA LEU B 35 17.95 15.77 8.85
C LEU B 35 17.51 16.31 10.20
N ALA B 36 17.39 17.63 10.30
CA ALA B 36 16.82 18.25 11.48
C ALA B 36 15.30 18.07 11.52
N LYS B 37 14.69 17.99 10.34
CA LYS B 37 13.24 17.83 10.16
C LYS B 37 13.00 16.87 9.00
N ARG B 38 11.85 16.20 9.00
CA ARG B 38 11.53 15.24 7.94
C ARG B 38 10.88 15.95 6.73
N SER B 39 11.63 16.90 6.18
CA SER B 39 11.22 17.69 5.04
C SER B 39 12.43 18.49 4.54
N PHE B 40 12.32 19.01 3.32
CA PHE B 40 13.32 19.93 2.78
C PHE B 40 12.69 20.89 1.77
N ILE B 41 13.43 21.95 1.46
CA ILE B 41 13.05 22.88 0.41
C ILE B 41 14.32 23.40 -0.27
N PHE B 42 14.37 23.28 -1.60
CA PHE B 42 15.44 23.88 -2.39
C PHE B 42 14.83 24.59 -3.59
N PRO B 43 15.45 25.70 -4.04
CA PRO B 43 15.03 26.34 -5.28
C PRO B 43 15.27 25.42 -6.48
N ALA B 44 14.66 25.75 -7.62
CA ALA B 44 14.88 25.00 -8.85
C ALA B 44 16.36 24.90 -9.15
N SER B 45 16.84 23.67 -9.34
CA SER B 45 18.23 23.39 -9.72
C SER B 45 18.32 22.00 -10.35
N PRO B 46 19.44 21.69 -11.03
CA PRO B 46 19.55 20.39 -11.68
C PRO B 46 19.90 19.22 -10.75
N GLN B 47 20.06 19.50 -9.46
CA GLN B 47 20.51 18.49 -8.49
C GLN B 47 19.56 17.32 -8.33
N ALA B 48 20.10 16.19 -7.87
CA ALA B 48 19.29 15.09 -7.37
C ALA B 48 19.38 15.07 -5.85
N VAL B 49 18.24 15.03 -5.19
CA VAL B 49 18.19 14.91 -3.74
C VAL B 49 17.87 13.46 -3.35
N TRP B 50 18.74 12.86 -2.54
CA TRP B 50 18.55 11.50 -2.07
C TRP B 50 18.17 11.47 -0.60
N LEU B 51 17.09 10.79 -0.29
CA LEU B 51 16.68 10.56 1.09
C LEU B 51 17.05 9.13 1.50
N GLN B 52 17.61 8.97 2.70
CA GLN B 52 17.88 7.66 3.26
C GLN B 52 17.15 7.52 4.59
N VAL B 53 16.39 6.44 4.72
CA VAL B 53 15.60 6.19 5.93
C VAL B 53 15.92 4.78 6.43
N GLN B 54 16.47 4.70 7.64
CA GLN B 54 16.76 3.42 8.26
C GLN B 54 15.69 3.10 9.30
N LEU B 55 15.05 1.94 9.14
CA LEU B 55 13.94 1.55 10.02
C LEU B 55 14.11 0.13 10.53
N PRO B 56 13.66 -0.13 11.78
CA PRO B 56 13.76 -1.48 12.32
C PRO B 56 12.72 -2.41 11.70
N ALA B 57 12.72 -3.67 12.13
CA ALA B 57 11.65 -4.60 11.79
C ALA B 57 10.32 -4.03 12.26
N GLN B 58 9.28 -4.22 11.44
CA GLN B 58 7.95 -3.65 11.70
C GLN B 58 6.96 -4.71 12.19
N LYS B 59 6.02 -4.30 13.04
CA LYS B 59 5.05 -5.21 13.67
C LYS B 59 3.64 -5.04 13.10
N VAL B 60 3.36 -3.87 12.55
CA VAL B 60 2.04 -3.55 12.01
C VAL B 60 2.21 -2.94 10.61
N PRO B 61 1.13 -2.92 9.79
CA PRO B 61 1.26 -2.27 8.48
C PRO B 61 1.62 -0.79 8.59
N SER B 62 2.50 -0.35 7.69
CA SER B 62 2.91 1.05 7.62
C SER B 62 3.37 1.40 6.21
N TRP B 63 3.45 2.69 5.97
CA TRP B 63 3.82 3.23 4.67
C TRP B 63 4.81 4.37 4.86
N LEU B 64 5.67 4.57 3.87
CA LEU B 64 6.35 5.84 3.72
C LEU B 64 5.42 6.77 2.93
N TRP B 65 5.08 7.91 3.53
CA TRP B 65 4.31 8.94 2.85
C TRP B 65 5.26 10.07 2.42
N ILE B 66 5.11 10.54 1.19
CA ILE B 66 5.82 11.73 0.71
C ILE B 66 4.84 12.67 0.01
N PHE B 67 4.82 13.92 0.43
CA PHE B 67 4.13 14.97 -0.31
C PHE B 67 5.21 15.83 -0.95
N ALA B 68 5.36 15.71 -2.26
CA ALA B 68 6.39 16.43 -3.00
C ALA B 68 5.82 17.01 -4.28
N PRO B 69 5.16 18.19 -4.17
CA PRO B 69 4.46 18.79 -5.30
C PRO B 69 5.41 19.03 -6.47
N ARG B 70 4.97 18.65 -7.67
CA ARG B 70 5.66 18.95 -8.93
C ARG B 70 7.03 18.28 -9.13
N VAL B 71 7.32 17.23 -8.38
CA VAL B 71 8.54 16.45 -8.61
C VAL B 71 8.44 15.76 -9.97
N GLN B 72 9.46 15.98 -10.79
CA GLN B 72 9.49 15.42 -12.15
C GLN B 72 9.85 13.94 -12.14
N TYR B 73 10.89 13.58 -11.39
CA TYR B 73 11.33 12.20 -11.29
C TYR B 73 11.49 11.82 -9.83
N LEU B 74 10.79 10.76 -9.44
CA LEU B 74 10.93 10.20 -8.10
C LEU B 74 11.19 8.71 -8.21
N ASP B 75 12.33 8.27 -7.68
CA ASP B 75 12.71 6.85 -7.69
C ASP B 75 12.84 6.35 -6.26
N TYR B 76 12.12 5.27 -5.94
CA TYR B 76 12.10 4.69 -4.60
C TYR B 76 12.74 3.32 -4.56
N TYR B 77 13.55 3.07 -3.53
CA TYR B 77 14.24 1.79 -3.37
C TYR B 77 14.09 1.24 -1.95
N LEU B 78 13.74 -0.03 -1.86
CA LEU B 78 13.63 -0.73 -0.57
C LEU B 78 14.79 -1.72 -0.45
N VAL B 79 15.60 -1.55 0.58
CA VAL B 79 16.75 -2.41 0.81
C VAL B 79 16.61 -3.12 2.15
N GLN B 80 16.79 -4.43 2.14
CA GLN B 80 16.84 -5.23 3.36
C GLN B 80 18.01 -6.18 3.28
N ASP B 81 18.83 -6.18 4.34
CA ASP B 81 20.04 -7.00 4.44
C ASP B 81 20.93 -6.91 3.20
N GLY B 82 21.10 -5.68 2.69
CA GLY B 82 21.98 -5.41 1.56
C GLY B 82 21.43 -5.71 0.18
N GLN B 83 20.22 -6.27 0.10
CA GLN B 83 19.58 -6.59 -1.17
C GLN B 83 18.52 -5.56 -1.53
N LEU B 84 18.48 -5.18 -2.80
CA LEU B 84 17.37 -4.39 -3.33
C LEU B 84 16.15 -5.29 -3.45
N VAL B 85 15.15 -5.04 -2.60
CA VAL B 85 13.96 -5.88 -2.48
C VAL B 85 12.84 -5.40 -3.41
N ARG B 86 12.67 -4.08 -3.45
CA ARG B 86 11.57 -3.45 -4.18
C ARG B 86 12.06 -2.11 -4.70
N ASP B 87 11.61 -1.76 -5.90
CA ASP B 87 11.86 -0.43 -6.44
C ASP B 87 10.62 0.12 -7.14
N GLN B 88 10.57 1.44 -7.29
CA GLN B 88 9.45 2.10 -7.95
C GLN B 88 9.92 3.38 -8.65
N HIS B 89 9.40 3.58 -9.86
CA HIS B 89 9.78 4.74 -10.67
C HIS B 89 8.54 5.55 -11.02
N THR B 90 8.51 6.79 -10.54
CA THR B 90 7.33 7.64 -10.66
C THR B 90 7.75 9.11 -10.80
N GLY B 91 6.81 10.03 -10.56
CA GLY B 91 7.05 11.45 -10.78
C GLY B 91 6.30 11.97 -11.99
N GLU B 92 6.19 13.29 -12.10
CA GLU B 92 5.37 13.92 -13.12
C GLU B 92 5.90 13.77 -14.56
N SER B 93 7.19 13.45 -14.68
CA SER B 93 7.79 13.18 -16.00
C SER B 93 7.73 11.69 -16.37
N ARG B 94 7.24 10.88 -15.42
CA ARG B 94 6.74 9.54 -15.69
C ARG B 94 5.21 9.67 -15.63
N PRO B 95 4.59 10.22 -16.69
CA PRO B 95 3.19 10.61 -16.49
C PRO B 95 2.20 9.44 -16.62
N PHE B 96 0.91 9.76 -16.59
CA PHE B 96 -0.18 8.78 -16.77
C PHE B 96 -0.10 7.66 -15.73
N GLN B 97 -0.26 8.03 -14.45
CA GLN B 97 -0.30 7.07 -13.35
C GLN B 97 -1.25 7.51 -12.22
N GLU B 98 -2.42 6.87 -12.17
CA GLU B 98 -3.46 7.18 -11.18
C GLU B 98 -2.95 7.13 -9.74
N ARG B 99 -3.33 8.14 -8.97
CA ARG B 99 -2.98 8.21 -7.55
C ARG B 99 -4.25 8.33 -6.69
N PRO B 100 -4.32 7.57 -5.59
CA PRO B 100 -5.52 7.58 -4.73
C PRO B 100 -5.78 8.88 -3.95
N LEU B 101 -4.73 9.65 -3.67
CA LEU B 101 -4.88 10.87 -2.88
C LEU B 101 -4.97 12.11 -3.79
N PRO B 102 -5.96 12.99 -3.53
CA PRO B 102 -6.11 14.25 -4.28
C PRO B 102 -4.87 15.13 -4.25
N SER B 103 -4.11 15.07 -3.15
CA SER B 103 -2.85 15.83 -3.03
C SER B 103 -1.72 15.28 -3.91
N ARG B 104 -1.94 14.10 -4.49
CA ARG B 104 -0.93 13.41 -5.31
C ARG B 104 0.32 13.04 -4.49
N SER B 105 0.13 12.90 -3.18
CA SER B 105 1.16 12.35 -2.29
C SER B 105 1.48 10.91 -2.69
N TYR B 106 2.68 10.46 -2.36
CA TYR B 106 3.16 9.13 -2.72
C TYR B 106 3.10 8.27 -1.46
N LEU B 107 2.79 6.99 -1.64
CA LEU B 107 2.75 6.03 -0.54
C LEU B 107 3.55 4.77 -0.89
N PHE B 108 4.40 4.36 0.02
CA PHE B 108 5.19 3.14 -0.19
C PHE B 108 5.04 2.20 1.00
N SER B 109 4.55 0.99 0.72
CA SER B 109 4.26 -0.02 1.74
C SER B 109 5.55 -0.59 2.33
N LEU B 110 5.63 -0.63 3.65
CA LEU B 110 6.81 -1.11 4.34
C LEU B 110 6.56 -2.49 4.94
N PRO B 111 7.37 -3.48 4.54
CA PRO B 111 7.07 -4.88 4.86
C PRO B 111 7.16 -5.22 6.36
N VAL B 112 6.25 -6.09 6.78
CA VAL B 112 6.31 -6.72 8.09
C VAL B 112 6.87 -8.11 7.82
N ASP B 113 8.19 -8.25 7.95
CA ASP B 113 8.88 -9.49 7.57
C ASP B 113 10.05 -9.87 8.47
N GLY B 114 10.09 -9.30 9.68
CA GLY B 114 11.07 -9.67 10.70
C GLY B 114 12.48 -9.14 10.48
N LYS B 115 12.65 -8.29 9.46
CA LYS B 115 13.97 -7.74 9.10
C LYS B 115 13.95 -6.22 9.15
N PRO B 116 15.08 -5.60 9.57
CA PRO B 116 15.25 -4.15 9.41
C PRO B 116 15.24 -3.72 7.95
N THR B 118 16.23 -0.35 4.95
CA THR B 118 16.70 0.95 4.50
C THR B 118 15.99 1.39 3.22
N LEU B 119 15.38 2.57 3.28
CA LEU B 119 14.70 3.16 2.14
C LEU B 119 15.57 4.24 1.48
N TYR B 120 15.59 4.25 0.15
CA TYR B 120 16.25 5.32 -0.62
C TYR B 120 15.27 5.94 -1.61
N VAL B 121 15.23 7.26 -1.63
CA VAL B 121 14.37 7.99 -2.58
C VAL B 121 15.18 9.07 -3.26
N ARG B 122 15.22 9.02 -4.59
CA ARG B 122 15.85 10.06 -5.41
C ARG B 122 14.78 10.98 -6.03
N THR B 124 14.29 14.60 -8.55
CA THR B 124 14.73 15.74 -9.36
C THR B 124 13.52 16.53 -9.87
N SER B 125 13.73 17.82 -10.14
CA SER B 125 12.68 18.67 -10.69
C SER B 125 13.24 19.90 -11.38
N ASN B 126 12.49 20.42 -12.37
CA ASN B 126 12.79 21.73 -12.96
C ASN B 126 12.07 22.83 -12.18
N HIS B 127 11.34 22.42 -11.14
CA HIS B 127 10.70 23.34 -10.20
C HIS B 127 11.41 23.25 -8.85
N PRO B 128 11.10 24.15 -7.91
CA PRO B 128 11.67 24.00 -6.57
C PRO B 128 11.36 22.62 -5.99
N LEU B 129 12.37 22.00 -5.38
CA LEU B 129 12.19 20.70 -4.74
C LEU B 129 11.79 20.90 -3.29
N ALA B 131 9.50 18.91 -0.18
CA ALA B 131 8.89 17.65 0.22
C ALA B 131 8.76 17.57 1.73
N TRP B 132 7.66 16.95 2.17
CA TRP B 132 7.50 16.47 3.52
C TRP B 132 7.31 14.96 3.42
N PHE B 133 7.81 14.24 4.41
CA PHE B 133 7.77 12.78 4.38
C PHE B 133 7.79 12.22 5.79
N ASP B 134 7.21 11.04 5.97
CA ASP B 134 7.16 10.40 7.27
C ASP B 134 6.66 8.97 7.14
N GLN B 135 6.87 8.19 8.19
CA GLN B 135 6.26 6.86 8.27
C GLN B 135 4.91 7.03 8.92
N ILE B 136 3.90 6.39 8.35
CA ILE B 136 2.54 6.43 8.88
C ILE B 136 2.00 5.02 9.06
N ASP B 137 1.12 4.83 10.04
CA ASP B 137 0.40 3.56 10.17
C ASP B 137 -0.99 3.70 9.56
N GLU B 138 -1.87 2.73 9.81
CA GLU B 138 -3.23 2.78 9.28
C GLU B 138 -3.96 4.05 9.73
N ALA B 139 -3.75 4.44 10.99
CA ALA B 139 -4.39 5.64 11.52
C ALA B 139 -4.01 6.87 10.70
N GLY B 140 -2.73 6.96 10.32
CA GLY B 140 -2.24 8.09 9.52
C GLY B 140 -2.84 8.03 8.12
N LEU B 141 -2.79 6.84 7.53
CA LEU B 141 -3.28 6.59 6.16
C LEU B 141 -4.73 7.01 5.94
N VAL B 142 -5.61 6.66 6.86
CA VAL B 142 -7.04 6.89 6.68
C VAL B 142 -7.48 8.36 6.82
N GLY B 143 -6.59 9.20 7.35
CA GLY B 143 -6.83 10.64 7.46
C GLY B 143 -6.19 11.47 6.36
N LEU B 144 -5.46 10.82 5.46
CA LEU B 144 -4.74 11.53 4.39
C LEU B 144 -5.65 12.10 3.30
N GLU B 145 -5.26 13.24 2.76
CA GLU B 145 -5.90 13.84 1.58
C GLU B 145 -4.87 14.17 0.50
#